data_8T1Q
#
_entry.id   8T1Q
#
_cell.length_a   59.074
_cell.length_b   82.032
_cell.length_c   102.835
_cell.angle_alpha   90.000
_cell.angle_beta   90.000
_cell.angle_gamma   90.000
#
_symmetry.space_group_name_H-M   'P 21 21 21'
#
loop_
_entity.id
_entity.type
_entity.pdbx_description
1 polymer 'Cleavage and polyadenylation specificity factor subunit 3'
2 non-polymer 3-[7,7-bis(oxidanyl)-8-oxa-7-boranuidabicyclo[4.3.0]nona-1,3,5-trien-5-yl]-~{N}-[3-(4-ethanoylphenyl)phenyl]propanamide
3 non-polymer 'CHLORIDE ION'
4 non-polymer 'SULFATE ION'
5 non-polymer 'FE (III) ION'
6 water water
#
_entity_poly.entity_id   1
_entity_poly.type   'polypeptide(L)'
_entity_poly.pdbx_seq_one_letter_code
;MGSSHHHHHHSSGLVPRGSHMSAIPAEESDQLLIRPLGAGQEVGRSCIILEFKGRKIMLDCGIHPGLEGMDALPYIDLID
PAEIDLLLISHFHLDHCGALPWFLQKTSFKGRTFMTHATKAIYRWLLSDYVKVSNISADDMLYTETDLEESMDKIETINF
HEVKEVAGIKFWCYHAGHVLGAAMFMIEIAGVKLLYTGDFSRQEDRHLMAAEIPNIKPDILIIESTYGTHIHEKREEREA
RFCNTVHDIVNRGGRGLIPVFALGRAQELLLILDEYWQNHPELHDIPIYYASSLAKKCMAVYQTYVNAMNDKIRKQININ
NPFVFKHISNLKSMDHFDDIGPSVVMASPGMMQSGLSRELFESWCTDKRNGVIIAGYCVEGTLAKHIMSEPEEITTMSGQ
KLPLKMSVDYISFSAHTDYQQTSEFIRALKPPHVILVHGEQNEMARLKAALIREYEDNDEVHIEVHNPRNTEAVTLNFR
;
_entity_poly.pdbx_strand_id   A
#
loop_
_chem_comp.id
_chem_comp.type
_chem_comp.name
_chem_comp.formula
CL non-polymer 'CHLORIDE ION' 'Cl -1'
FE non-polymer 'FE (III) ION' 'Fe 3'
SO4 non-polymer 'SULFATE ION' 'O4 S -2'
XYX non-polymer 3-[7,7-bis(oxidanyl)-8-oxa-7-boranuidabicyclo[4.3.0]nona-1,3,5-trien-5-yl]-~{N}-[3-(4-ethanoylphenyl)phenyl]propanamide 'C24 H23 B N O5 -1'
#
# COMPACT_ATOMS: atom_id res chain seq x y z
N LEU A 14 -6.83 -16.79 -26.99
CA LEU A 14 -5.93 -15.66 -27.17
C LEU A 14 -4.54 -16.11 -27.57
N VAL A 15 -3.97 -15.44 -28.56
CA VAL A 15 -2.57 -15.67 -28.92
C VAL A 15 -1.70 -14.82 -28.01
N PRO A 16 -0.79 -15.41 -27.24
CA PRO A 16 0.15 -14.61 -26.44
C PRO A 16 0.85 -13.55 -27.29
N ARG A 17 0.92 -12.33 -26.76
CA ARG A 17 1.52 -11.23 -27.50
C ARG A 17 2.99 -11.48 -27.83
N GLY A 18 3.67 -12.29 -27.03
CA GLY A 18 5.07 -12.60 -27.30
C GLY A 18 5.30 -13.55 -28.45
N SER A 19 4.23 -14.07 -29.05
CA SER A 19 4.34 -15.03 -30.16
C SER A 19 5.10 -14.45 -31.34
N ALA A 23 -1.23 -17.70 -40.01
CA ALA A 23 -2.35 -18.63 -40.05
C ALA A 23 -1.88 -20.07 -39.92
N ILE A 24 -1.67 -20.51 -38.68
CA ILE A 24 -1.25 -21.89 -38.39
C ILE A 24 -2.35 -22.52 -37.54
N PRO A 25 -2.74 -23.77 -37.82
CA PRO A 25 -3.81 -24.41 -37.03
C PRO A 25 -3.49 -24.41 -35.54
N ALA A 26 -4.40 -23.83 -34.77
CA ALA A 26 -4.21 -23.75 -33.32
C ALA A 26 -4.39 -25.12 -32.69
N GLU A 27 -3.55 -25.43 -31.70
CA GLU A 27 -3.76 -26.62 -30.89
C GLU A 27 -4.70 -26.24 -29.74
N GLU A 28 -4.80 -27.13 -28.76
CA GLU A 28 -5.74 -26.92 -27.67
C GLU A 28 -5.35 -25.69 -26.85
N SER A 29 -6.34 -25.14 -26.16
CA SER A 29 -6.11 -23.95 -25.35
C SER A 29 -5.89 -24.34 -23.88
N ASP A 30 -5.23 -23.44 -23.14
CA ASP A 30 -4.91 -23.64 -21.74
C ASP A 30 -5.58 -22.54 -20.95
N GLN A 31 -6.10 -22.87 -19.78
CA GLN A 31 -6.87 -21.92 -18.99
C GLN A 31 -6.03 -21.34 -17.86
N LEU A 32 -6.02 -20.02 -17.76
CA LEU A 32 -5.35 -19.30 -16.68
C LEU A 32 -6.41 -18.79 -15.73
N LEU A 33 -6.21 -18.97 -14.43
CA LEU A 33 -7.17 -18.56 -13.43
C LEU A 33 -6.56 -17.51 -12.51
N ILE A 34 -7.31 -16.44 -12.24
CA ILE A 34 -6.92 -15.42 -11.25
C ILE A 34 -8.01 -15.32 -10.21
N ARG A 35 -7.63 -15.35 -8.92
CA ARG A 35 -8.62 -15.33 -7.85
C ARG A 35 -8.10 -14.53 -6.66
N PRO A 36 -8.70 -13.39 -6.32
CA PRO A 36 -8.31 -12.70 -5.09
C PRO A 36 -8.75 -13.49 -3.87
N LEU A 37 -7.84 -13.61 -2.90
CA LEU A 37 -8.19 -14.07 -1.57
C LEU A 37 -8.31 -12.92 -0.59
N GLY A 38 -7.83 -11.74 -0.99
CA GLY A 38 -8.02 -10.49 -0.29
C GLY A 38 -7.70 -9.41 -1.29
N ALA A 39 -8.19 -8.20 -1.00
CA ALA A 39 -8.14 -7.05 -1.90
C ALA A 39 -8.99 -7.22 -3.15
N GLY A 40 -9.93 -8.18 -3.13
CA GLY A 40 -10.96 -8.24 -4.13
C GLY A 40 -12.12 -7.32 -3.77
N GLN A 41 -12.31 -6.24 -4.54
CA GLN A 41 -13.31 -5.21 -4.23
C GLN A 41 -13.17 -4.66 -2.80
N GLU A 42 -11.94 -4.61 -2.30
CA GLU A 42 -11.63 -3.95 -1.03
C GLU A 42 -10.18 -3.49 -1.05
N VAL A 43 -9.85 -2.61 -0.10
CA VAL A 43 -8.47 -2.28 0.22
C VAL A 43 -8.11 -3.03 1.49
N GLY A 44 -6.94 -3.69 1.50
CA GLY A 44 -6.50 -4.49 2.64
C GLY A 44 -6.22 -5.93 2.26
N ARG A 45 -5.30 -6.55 2.99
CA ARG A 45 -4.99 -7.99 2.90
C ARG A 45 -4.82 -8.50 1.46
N SER A 46 -4.05 -7.76 0.67
CA SER A 46 -3.77 -8.18 -0.71
C SER A 46 -3.22 -9.60 -0.74
N CYS A 47 -3.85 -10.44 -1.56
CA CYS A 47 -3.44 -11.82 -1.72
C CYS A 47 -4.16 -12.37 -2.94
N ILE A 48 -3.46 -12.51 -4.06
CA ILE A 48 -4.10 -12.88 -5.31
C ILE A 48 -3.46 -14.16 -5.84
N ILE A 49 -4.30 -15.14 -6.16
CA ILE A 49 -3.84 -16.43 -6.67
C ILE A 49 -3.86 -16.43 -8.19
N LEU A 50 -2.79 -16.96 -8.80
CA LEU A 50 -2.66 -17.20 -10.23
C LEU A 50 -2.42 -18.69 -10.46
N GLU A 51 -3.18 -19.30 -11.36
CA GLU A 51 -3.03 -20.73 -11.71
C GLU A 51 -2.93 -20.88 -13.23
N PHE A 52 -1.91 -21.59 -13.70
CA PHE A 52 -1.73 -21.76 -15.14
C PHE A 52 -0.80 -22.93 -15.38
N LYS A 53 -1.25 -23.89 -16.20
CA LYS A 53 -0.43 -25.01 -16.66
C LYS A 53 0.30 -25.70 -15.50
N GLY A 54 -0.43 -25.95 -14.42
CA GLY A 54 0.07 -26.70 -13.29
C GLY A 54 0.88 -25.90 -12.29
N ARG A 55 1.14 -24.62 -12.56
CA ARG A 55 1.83 -23.75 -11.63
C ARG A 55 0.81 -22.95 -10.84
N LYS A 56 1.13 -22.68 -9.56
CA LYS A 56 0.30 -21.84 -8.70
C LYS A 56 1.17 -20.78 -8.04
N ILE A 57 0.73 -19.52 -8.11
CA ILE A 57 1.51 -18.37 -7.65
C ILE A 57 0.62 -17.55 -6.73
N MET A 58 1.18 -17.04 -5.64
CA MET A 58 0.48 -16.12 -4.76
C MET A 58 1.14 -14.75 -4.87
N LEU A 59 0.34 -13.72 -5.11
CA LEU A 59 0.82 -12.35 -5.23
C LEU A 59 0.40 -11.61 -3.97
N ASP A 60 1.38 -11.29 -3.13
CA ASP A 60 1.22 -10.58 -1.86
C ASP A 60 0.55 -11.45 -0.80
N CYS A 61 0.70 -11.05 0.46
CA CYS A 61 0.16 -11.83 1.58
C CYS A 61 -0.05 -10.88 2.77
N GLY A 62 -1.03 -9.99 2.66
CA GLY A 62 -1.21 -8.92 3.61
C GLY A 62 -2.30 -9.21 4.63
N ILE A 63 -2.44 -8.25 5.55
CA ILE A 63 -3.53 -8.23 6.51
C ILE A 63 -4.39 -7.00 6.26
N HIS A 64 -5.64 -7.08 6.72
CA HIS A 64 -6.60 -5.98 6.61
C HIS A 64 -6.48 -5.08 7.84
N PRO A 65 -6.20 -3.78 7.69
CA PRO A 65 -5.94 -2.93 8.89
C PRO A 65 -7.19 -2.63 9.70
N GLY A 66 -8.37 -2.89 9.16
CA GLY A 66 -9.62 -2.62 9.84
C GLY A 66 -10.33 -3.83 10.39
N LEU A 67 -9.67 -4.99 10.44
CA LEU A 67 -10.19 -6.21 11.02
C LEU A 67 -9.18 -6.73 12.03
N GLU A 68 -9.59 -7.72 12.82
CA GLU A 68 -8.80 -8.16 13.96
C GLU A 68 -8.67 -9.69 13.96
N GLY A 69 -7.56 -10.18 14.51
CA GLY A 69 -7.35 -11.61 14.65
C GLY A 69 -7.32 -12.30 13.30
N MET A 70 -7.84 -13.53 13.26
CA MET A 70 -7.87 -14.29 12.02
C MET A 70 -8.77 -13.62 10.97
N ASP A 71 -9.71 -12.78 11.40
CA ASP A 71 -10.55 -12.07 10.43
C ASP A 71 -9.74 -11.19 9.50
N ALA A 72 -8.56 -10.74 9.94
CA ALA A 72 -7.76 -9.80 9.16
C ALA A 72 -6.98 -10.47 8.04
N LEU A 73 -6.96 -11.81 8.00
CA LEU A 73 -6.21 -12.58 7.00
C LEU A 73 -6.98 -12.66 5.70
N PRO A 74 -6.27 -12.90 4.58
CA PRO A 74 -6.97 -13.31 3.35
C PRO A 74 -7.61 -14.68 3.53
N TYR A 75 -8.47 -15.04 2.57
CA TYR A 75 -9.21 -16.32 2.64
C TYR A 75 -8.34 -17.51 2.22
N ILE A 76 -7.24 -17.69 2.96
CA ILE A 76 -6.26 -18.74 2.64
C ILE A 76 -6.88 -20.12 2.74
N ASP A 77 -7.93 -20.28 3.55
CA ASP A 77 -8.57 -21.59 3.67
C ASP A 77 -9.11 -22.09 2.34
N LEU A 78 -9.23 -21.25 1.31
CA LEU A 78 -9.77 -21.69 0.02
C LEU A 78 -8.74 -22.34 -0.88
N ILE A 79 -7.47 -22.37 -0.49
CA ILE A 79 -6.43 -23.00 -1.28
C ILE A 79 -5.71 -24.02 -0.40
N ASP A 80 -4.93 -24.88 -1.05
CA ASP A 80 -4.02 -25.76 -0.33
C ASP A 80 -2.66 -25.11 -0.36
N PRO A 81 -2.19 -24.51 0.73
CA PRO A 81 -0.90 -23.78 0.68
C PRO A 81 0.26 -24.65 0.25
N ALA A 82 0.19 -25.95 0.47
CA ALA A 82 1.24 -26.84 0.01
C ALA A 82 1.34 -26.90 -1.51
N GLU A 83 0.34 -26.40 -2.23
CA GLU A 83 0.38 -26.45 -3.68
C GLU A 83 0.93 -25.18 -4.30
N ILE A 84 1.23 -24.14 -3.51
CA ILE A 84 1.68 -22.88 -4.06
C ILE A 84 3.17 -22.98 -4.35
N ASP A 85 3.56 -22.72 -5.60
CA ASP A 85 4.96 -22.85 -5.98
C ASP A 85 5.78 -21.62 -5.60
N LEU A 86 5.17 -20.44 -5.63
CA LEU A 86 5.89 -19.19 -5.68
C LEU A 86 5.04 -18.11 -5.02
N LEU A 87 5.65 -17.32 -4.13
CA LEU A 87 5.00 -16.20 -3.47
C LEU A 87 5.83 -14.95 -3.73
N LEU A 88 5.21 -13.93 -4.34
CA LEU A 88 5.88 -12.68 -4.64
C LEU A 88 5.29 -11.57 -3.78
N ILE A 89 6.16 -10.79 -3.13
CA ILE A 89 5.75 -9.71 -2.24
C ILE A 89 6.16 -8.38 -2.87
N SER A 90 5.18 -7.50 -3.10
CA SER A 90 5.45 -6.27 -3.85
C SER A 90 6.16 -5.19 -3.04
N HIS A 91 5.81 -5.00 -1.76
CA HIS A 91 6.43 -3.93 -0.99
C HIS A 91 6.14 -4.17 0.49
N PHE A 92 6.72 -3.31 1.35
CA PHE A 92 6.75 -3.61 2.77
C PHE A 92 5.51 -3.20 3.55
N HIS A 93 4.51 -2.59 2.93
CA HIS A 93 3.32 -2.21 3.70
C HIS A 93 2.61 -3.44 4.23
N LEU A 94 1.96 -3.29 5.39
CA LEU A 94 1.44 -4.50 6.03
C LEU A 94 0.20 -5.05 5.34
N ASP A 95 -0.48 -4.27 4.50
CA ASP A 95 -1.57 -4.88 3.76
C ASP A 95 -1.07 -5.67 2.56
N HIS A 96 0.25 -5.79 2.42
CA HIS A 96 0.86 -6.65 1.41
C HIS A 96 1.80 -7.71 1.95
N CYS A 97 2.27 -7.60 3.21
CA CYS A 97 3.17 -8.62 3.72
C CYS A 97 2.90 -8.93 5.19
N GLY A 98 1.86 -8.35 5.77
CA GLY A 98 1.60 -8.49 7.21
C GLY A 98 1.25 -9.89 7.65
N ALA A 99 0.73 -10.73 6.74
CA ALA A 99 0.37 -12.11 7.05
C ALA A 99 1.50 -13.09 6.75
N LEU A 100 2.61 -12.61 6.21
CA LEU A 100 3.64 -13.51 5.71
C LEU A 100 4.25 -14.42 6.78
N PRO A 101 4.59 -13.96 8.00
CA PRO A 101 5.13 -14.92 8.98
C PRO A 101 4.13 -15.99 9.33
N TRP A 102 2.84 -15.64 9.39
CA TRP A 102 1.80 -16.64 9.62
C TRP A 102 1.76 -17.65 8.49
N PHE A 103 1.80 -17.17 7.24
CA PHE A 103 1.72 -18.06 6.10
C PHE A 103 2.93 -18.98 6.04
N LEU A 104 4.12 -18.45 6.35
CA LEU A 104 5.33 -19.24 6.20
C LEU A 104 5.48 -20.25 7.33
N GLN A 105 5.07 -19.88 8.53
CA GLN A 105 5.32 -20.72 9.70
C GLN A 105 4.13 -21.54 10.16
N LYS A 106 2.90 -21.14 9.82
CA LYS A 106 1.72 -21.78 10.39
C LYS A 106 0.87 -22.51 9.36
N THR A 107 1.36 -22.68 8.13
CA THR A 107 0.64 -23.42 7.10
C THR A 107 1.57 -24.46 6.49
N SER A 108 1.03 -25.27 5.58
CA SER A 108 1.79 -26.29 4.87
C SER A 108 2.55 -25.75 3.66
N PHE A 109 2.63 -24.42 3.52
CA PHE A 109 3.39 -23.84 2.43
C PHE A 109 4.82 -24.32 2.46
N LYS A 110 5.33 -24.72 1.30
CA LYS A 110 6.73 -25.13 1.16
C LYS A 110 7.34 -24.60 -0.13
N GLY A 111 6.80 -23.51 -0.68
CA GLY A 111 7.31 -22.94 -1.91
C GLY A 111 8.36 -21.89 -1.65
N ARG A 112 8.68 -21.13 -2.70
CA ARG A 112 9.69 -20.10 -2.67
C ARG A 112 9.04 -18.71 -2.55
N THR A 113 9.67 -17.83 -1.78
CA THR A 113 9.13 -16.47 -1.54
C THR A 113 10.18 -15.45 -1.92
N PHE A 114 9.76 -14.40 -2.63
CA PHE A 114 10.69 -13.36 -3.09
C PHE A 114 10.20 -11.97 -2.74
N MET A 115 11.14 -11.10 -2.36
CA MET A 115 10.91 -9.66 -2.32
C MET A 115 12.22 -8.95 -2.70
N THR A 116 12.13 -7.65 -3.00
CA THR A 116 13.35 -6.93 -3.32
C THR A 116 14.22 -6.80 -2.06
N HIS A 117 15.51 -6.53 -2.26
CA HIS A 117 16.45 -6.44 -1.15
C HIS A 117 15.99 -5.41 -0.12
N ALA A 118 15.62 -4.21 -0.57
CA ALA A 118 15.16 -3.17 0.36
C ALA A 118 13.90 -3.60 1.09
N THR A 119 12.97 -4.28 0.40
CA THR A 119 11.75 -4.71 1.07
C THR A 119 12.06 -5.66 2.22
N LYS A 120 12.94 -6.64 1.98
CA LYS A 120 13.27 -7.59 3.04
C LYS A 120 14.03 -6.90 4.17
N ALA A 121 14.89 -5.93 3.84
CA ALA A 121 15.66 -5.24 4.87
C ALA A 121 14.78 -4.40 5.78
N ILE A 122 13.74 -3.80 5.22
CA ILE A 122 12.81 -3.03 6.04
C ILE A 122 11.80 -3.95 6.74
N TYR A 123 11.38 -5.01 6.04
CA TYR A 123 10.34 -5.90 6.56
C TYR A 123 10.74 -6.52 7.88
N ARG A 124 12.01 -6.88 8.04
CA ARG A 124 12.45 -7.54 9.26
C ARG A 124 12.25 -6.63 10.47
N TRP A 125 12.67 -5.36 10.36
CA TRP A 125 12.51 -4.45 11.48
C TRP A 125 11.08 -3.96 11.63
N LEU A 126 10.31 -3.97 10.55
CA LEU A 126 8.97 -3.39 10.58
C LEU A 126 7.98 -4.30 11.29
N LEU A 127 7.97 -5.59 10.96
CA LEU A 127 6.99 -6.49 11.57
C LEU A 127 7.35 -6.80 13.01
N SER A 128 8.64 -6.73 13.37
CA SER A 128 9.01 -6.83 14.77
C SER A 128 8.37 -5.71 15.58
N ASP A 129 8.42 -4.49 15.05
CA ASP A 129 7.70 -3.38 15.67
C ASP A 129 6.20 -3.65 15.72
N TYR A 130 5.67 -4.26 14.66
CA TYR A 130 4.23 -4.52 14.62
C TYR A 130 3.81 -5.51 15.70
N VAL A 131 4.63 -6.55 15.94
CA VAL A 131 4.31 -7.53 16.97
C VAL A 131 4.30 -6.87 18.35
N LYS A 132 5.26 -5.99 18.61
CA LYS A 132 5.41 -5.35 19.91
C LYS A 132 4.47 -4.16 20.10
N VAL A 133 3.30 -4.22 19.49
CA VAL A 133 2.31 -3.16 19.65
C VAL A 133 0.94 -3.66 19.20
N MET A 141 -3.34 -12.91 18.42
CA MET A 141 -2.14 -12.63 17.65
C MET A 141 -1.85 -13.75 16.66
N LEU A 142 -1.48 -13.37 15.44
CA LEU A 142 -1.27 -14.36 14.37
C LEU A 142 0.07 -15.06 14.48
N TYR A 143 1.09 -14.37 14.99
CA TYR A 143 2.43 -14.94 15.07
C TYR A 143 3.24 -14.15 16.09
N THR A 144 4.40 -14.68 16.42
CA THR A 144 5.28 -14.12 17.43
C THR A 144 6.58 -13.62 16.79
N GLU A 145 7.40 -12.98 17.61
CA GLU A 145 8.73 -12.58 17.17
C GLU A 145 9.56 -13.79 16.74
N THR A 146 9.37 -14.92 17.42
CA THR A 146 10.07 -16.14 17.05
C THR A 146 9.67 -16.58 15.65
N ASP A 147 8.37 -16.56 15.36
CA ASP A 147 7.90 -16.90 14.02
C ASP A 147 8.54 -16.00 12.97
N LEU A 148 8.64 -14.70 13.27
CA LEU A 148 9.20 -13.76 12.31
C LEU A 148 10.66 -14.06 12.02
N GLU A 149 11.46 -14.29 13.07
CA GLU A 149 12.87 -14.54 12.87
C GLU A 149 13.12 -15.89 12.20
N GLU A 150 12.31 -16.89 12.53
CA GLU A 150 12.50 -18.22 11.95
C GLU A 150 12.06 -18.28 10.49
N SER A 151 11.23 -17.34 10.04
CA SER A 151 10.78 -17.34 8.66
C SER A 151 11.66 -16.49 7.75
N MET A 152 12.56 -15.69 8.31
CA MET A 152 13.37 -14.76 7.51
C MET A 152 14.18 -15.49 6.44
N ASP A 153 14.84 -16.60 6.82
CA ASP A 153 15.67 -17.30 5.86
C ASP A 153 14.87 -17.96 4.74
N LYS A 154 13.55 -18.10 4.89
CA LYS A 154 12.72 -18.66 3.81
C LYS A 154 12.44 -17.64 2.71
N ILE A 155 12.84 -16.39 2.91
CA ILE A 155 12.57 -15.31 1.97
C ILE A 155 13.84 -15.05 1.17
N GLU A 156 13.75 -15.19 -0.15
CA GLU A 156 14.84 -14.86 -1.05
C GLU A 156 14.63 -13.45 -1.58
N THR A 157 15.73 -12.81 -1.98
CA THR A 157 15.67 -11.45 -2.49
C THR A 157 15.90 -11.46 -4.00
N ILE A 158 15.51 -10.36 -4.65
CA ILE A 158 15.68 -10.22 -6.09
C ILE A 158 16.06 -8.77 -6.38
N ASN A 159 17.03 -8.59 -7.28
CA ASN A 159 17.30 -7.24 -7.77
C ASN A 159 16.25 -6.83 -8.79
N PHE A 160 16.11 -5.53 -8.96
CA PHE A 160 15.29 -5.02 -10.06
C PHE A 160 15.92 -5.39 -11.40
N HIS A 161 15.06 -5.63 -12.41
CA HIS A 161 15.50 -5.87 -13.79
C HIS A 161 16.39 -7.11 -13.93
N GLU A 162 16.10 -8.16 -13.14
CA GLU A 162 16.81 -9.44 -13.26
C GLU A 162 15.78 -10.57 -13.26
N VAL A 163 15.90 -11.49 -14.20
CA VAL A 163 14.99 -12.63 -14.27
C VAL A 163 15.41 -13.70 -13.25
N LYS A 164 14.45 -14.19 -12.49
CA LYS A 164 14.59 -15.43 -11.72
C LYS A 164 13.64 -16.46 -12.29
N GLU A 165 13.89 -17.73 -11.99
CA GLU A 165 13.02 -18.80 -12.48
C GLU A 165 12.73 -19.78 -11.35
N VAL A 166 11.46 -20.08 -11.14
CA VAL A 166 10.99 -21.03 -10.13
C VAL A 166 9.93 -21.91 -10.79
N ALA A 167 10.16 -23.21 -10.83
CA ALA A 167 9.14 -24.17 -11.28
C ALA A 167 8.60 -23.82 -12.67
N GLY A 168 9.49 -23.42 -13.58
CA GLY A 168 9.04 -23.04 -14.91
C GLY A 168 8.33 -21.71 -14.99
N ILE A 169 8.40 -20.90 -13.94
CA ILE A 169 7.87 -19.54 -13.92
C ILE A 169 9.05 -18.60 -13.98
N LYS A 170 9.10 -17.73 -15.00
CA LYS A 170 10.09 -16.66 -15.06
C LYS A 170 9.45 -15.39 -14.50
N PHE A 171 10.23 -14.61 -13.75
CA PHE A 171 9.69 -13.36 -13.24
C PHE A 171 10.80 -12.34 -13.04
N TRP A 172 10.40 -11.06 -13.06
CA TRP A 172 11.34 -9.97 -12.85
C TRP A 172 10.54 -8.76 -12.38
N CYS A 173 11.24 -7.73 -11.90
CA CYS A 173 10.44 -6.62 -11.40
C CYS A 173 10.94 -5.26 -11.87
N TYR A 174 10.00 -4.34 -11.87
CA TYR A 174 10.16 -2.94 -12.24
C TYR A 174 9.94 -2.06 -11.02
N HIS A 175 10.52 -0.86 -11.04
CA HIS A 175 10.29 0.08 -9.95
C HIS A 175 8.84 0.53 -9.94
N ALA A 176 8.21 0.50 -8.76
CA ALA A 176 6.81 0.90 -8.60
C ALA A 176 6.66 2.31 -8.08
N GLY A 177 7.74 2.99 -7.73
CA GLY A 177 7.47 4.22 -6.99
C GLY A 177 6.93 3.86 -5.62
N HIS A 178 6.03 4.71 -5.10
CA HIS A 178 5.21 4.40 -3.92
C HIS A 178 6.02 4.45 -2.62
N VAL A 179 6.87 3.45 -2.36
CA VAL A 179 7.79 3.44 -1.23
C VAL A 179 9.11 2.80 -1.65
N LEU A 180 10.15 3.02 -0.84
CA LEU A 180 11.43 2.40 -1.12
C LEU A 180 11.30 0.89 -1.25
N GLY A 181 11.90 0.33 -2.29
CA GLY A 181 11.88 -1.09 -2.55
C GLY A 181 10.65 -1.61 -3.29
N ALA A 182 9.64 -0.78 -3.50
CA ALA A 182 8.38 -1.30 -4.05
C ALA A 182 8.57 -1.78 -5.49
N ALA A 183 7.98 -2.93 -5.80
CA ALA A 183 8.15 -3.55 -7.11
C ALA A 183 6.81 -3.81 -7.80
N MET A 184 6.84 -3.76 -9.13
CA MET A 184 5.82 -4.37 -9.99
C MET A 184 6.43 -5.61 -10.63
N PHE A 185 5.82 -6.77 -10.38
CA PHE A 185 6.35 -8.02 -10.89
C PHE A 185 5.73 -8.38 -12.24
N MET A 186 6.59 -8.72 -13.19
CA MET A 186 6.15 -9.33 -14.44
CA MET A 186 6.13 -9.33 -14.42
C MET A 186 6.44 -10.82 -14.35
N ILE A 187 5.46 -11.63 -14.75
CA ILE A 187 5.53 -13.09 -14.64
C ILE A 187 5.32 -13.67 -16.03
N GLU A 188 6.13 -14.68 -16.39
CA GLU A 188 5.97 -15.31 -17.70
C GLU A 188 5.94 -16.82 -17.53
N ILE A 189 4.88 -17.43 -18.05
CA ILE A 189 4.69 -18.89 -17.99
C ILE A 189 4.24 -19.33 -19.39
N ALA A 190 5.03 -20.16 -20.03
CA ALA A 190 4.66 -20.71 -21.34
C ALA A 190 4.26 -19.61 -22.32
N GLY A 191 5.03 -18.53 -22.32
CA GLY A 191 4.86 -17.45 -23.27
C GLY A 191 3.81 -16.42 -22.89
N VAL A 192 3.01 -16.67 -21.88
CA VAL A 192 1.98 -15.75 -21.42
C VAL A 192 2.59 -14.86 -20.35
N LYS A 193 2.39 -13.54 -20.46
CA LYS A 193 3.01 -12.59 -19.54
C LYS A 193 1.95 -11.84 -18.76
N LEU A 194 2.14 -11.72 -17.45
CA LEU A 194 1.24 -10.97 -16.59
C LEU A 194 2.04 -9.97 -15.77
N LEU A 195 1.53 -8.74 -15.66
CA LEU A 195 2.16 -7.70 -14.85
C LEU A 195 1.25 -7.40 -13.67
N TYR A 196 1.81 -7.43 -12.46
CA TYR A 196 1.10 -7.09 -11.23
C TYR A 196 1.71 -5.80 -10.68
N THR A 197 0.90 -4.76 -10.55
CA THR A 197 1.49 -3.47 -10.16
C THR A 197 1.86 -3.41 -8.70
N GLY A 198 1.32 -4.29 -7.86
CA GLY A 198 1.31 -3.92 -6.44
C GLY A 198 0.62 -2.57 -6.24
N ASP A 199 1.17 -1.76 -5.32
CA ASP A 199 0.83 -0.35 -5.23
C ASP A 199 1.88 0.45 -5.99
N PHE A 200 1.45 1.45 -6.76
CA PHE A 200 2.42 2.15 -7.60
C PHE A 200 2.01 3.61 -7.75
N SER A 201 2.99 4.43 -8.07
CA SER A 201 2.74 5.86 -8.29
CA SER A 201 2.76 5.85 -8.27
C SER A 201 3.57 6.32 -9.46
N ARG A 202 2.99 7.22 -10.26
CA ARG A 202 3.66 7.74 -11.43
C ARG A 202 4.03 9.21 -11.25
N GLN A 203 3.99 9.68 -10.01
CA GLN A 203 4.34 11.04 -9.63
C GLN A 203 5.68 11.01 -8.90
N GLU A 204 6.67 11.69 -9.47
CA GLU A 204 7.95 11.88 -8.79
C GLU A 204 7.75 12.49 -7.40
N ASP A 205 8.40 11.90 -6.41
CA ASP A 205 8.43 12.42 -5.05
C ASP A 205 9.69 13.25 -4.84
N ARG A 206 9.78 13.86 -3.65
CA ARG A 206 11.02 14.52 -3.27
C ARG A 206 12.17 13.54 -3.08
N HIS A 207 11.88 12.26 -2.82
CA HIS A 207 12.94 11.28 -2.62
C HIS A 207 12.73 9.97 -3.38
N LEU A 208 11.63 9.81 -4.10
CA LEU A 208 11.36 8.58 -4.85
C LEU A 208 11.16 8.86 -6.33
N MET A 209 11.65 7.95 -7.17
CA MET A 209 11.33 8.04 -8.58
C MET A 209 9.93 7.49 -8.86
N ALA A 210 9.38 7.88 -10.00
CA ALA A 210 8.08 7.40 -10.45
C ALA A 210 8.19 5.96 -10.96
N ALA A 211 7.07 5.25 -10.94
CA ALA A 211 7.04 3.89 -11.46
C ALA A 211 7.44 3.86 -12.94
N GLU A 212 8.11 2.79 -13.34
CA GLU A 212 8.47 2.60 -14.74
C GLU A 212 7.25 2.15 -15.52
N ILE A 213 7.26 2.43 -16.82
CA ILE A 213 6.29 1.81 -17.71
C ILE A 213 7.02 0.76 -18.53
N PRO A 214 6.77 -0.54 -18.34
CA PRO A 214 7.50 -1.54 -19.11
C PRO A 214 7.30 -1.37 -20.62
N ASN A 215 8.38 -1.59 -21.36
CA ASN A 215 8.28 -1.73 -22.81
C ASN A 215 7.81 -3.12 -23.20
N ILE A 216 8.08 -4.12 -22.37
CA ILE A 216 7.56 -5.47 -22.60
C ILE A 216 6.07 -5.48 -22.27
N LYS A 217 5.26 -5.90 -23.23
CA LYS A 217 3.81 -5.72 -23.07
C LYS A 217 3.16 -6.98 -22.53
N PRO A 218 2.38 -6.91 -21.46
CA PRO A 218 1.79 -8.11 -20.87
C PRO A 218 0.48 -8.49 -21.54
N ASP A 219 0.16 -9.78 -21.48
CA ASP A 219 -1.17 -10.23 -21.86
C ASP A 219 -2.22 -9.84 -20.82
N ILE A 220 -1.83 -9.75 -19.55
CA ILE A 220 -2.77 -9.52 -18.46
C ILE A 220 -2.15 -8.51 -17.54
N LEU A 221 -2.93 -7.53 -17.09
CA LEU A 221 -2.49 -6.59 -16.08
C LEU A 221 -3.37 -6.71 -14.85
N ILE A 222 -2.75 -6.89 -13.68
CA ILE A 222 -3.47 -6.82 -12.40
C ILE A 222 -3.04 -5.51 -11.76
N ILE A 223 -3.98 -4.61 -11.53
CA ILE A 223 -3.62 -3.24 -11.15
C ILE A 223 -4.46 -2.75 -9.98
N GLU A 224 -3.88 -1.95 -9.09
CA GLU A 224 -4.62 -1.39 -7.97
C GLU A 224 -5.64 -0.34 -8.45
N SER A 225 -6.64 -0.10 -7.59
CA SER A 225 -7.79 0.74 -7.89
CA SER A 225 -7.74 0.81 -7.93
C SER A 225 -8.06 1.75 -6.78
N THR A 226 -7.08 2.02 -5.93
CA THR A 226 -7.30 2.73 -4.66
C THR A 226 -8.14 4.00 -4.81
N TYR A 227 -7.82 4.83 -5.80
CA TYR A 227 -8.48 6.13 -5.89
C TYR A 227 -9.49 6.19 -7.05
N GLY A 228 -9.83 5.05 -7.63
CA GLY A 228 -10.92 5.01 -8.58
C GLY A 228 -10.70 5.99 -9.72
N THR A 229 -11.71 6.81 -9.96
CA THR A 229 -11.66 7.82 -11.02
C THR A 229 -11.32 9.19 -10.48
N HIS A 230 -10.84 9.28 -9.23
CA HIS A 230 -10.37 10.54 -8.70
C HIS A 230 -9.14 11.02 -9.44
N ILE A 231 -8.93 12.34 -9.45
CA ILE A 231 -7.71 12.95 -9.97
C ILE A 231 -7.03 13.66 -8.82
N HIS A 232 -5.74 13.38 -8.62
CA HIS A 232 -5.04 13.96 -7.49
C HIS A 232 -4.87 15.46 -7.67
N GLU A 233 -4.99 16.19 -6.57
CA GLU A 233 -4.69 17.62 -6.57
C GLU A 233 -3.21 17.82 -6.89
N LYS A 234 -2.90 18.94 -7.54
CA LYS A 234 -1.51 19.23 -7.87
C LYS A 234 -0.65 19.20 -6.61
N ARG A 235 0.54 18.60 -6.73
CA ARG A 235 1.40 18.35 -5.57
C ARG A 235 1.73 19.64 -4.83
N GLU A 236 2.04 20.72 -5.57
CA GLU A 236 2.32 21.99 -4.92
C GLU A 236 1.12 22.51 -4.14
N GLU A 237 -0.10 22.22 -4.62
CA GLU A 237 -1.28 22.70 -3.90
C GLU A 237 -1.55 21.87 -2.65
N ARG A 238 -1.32 20.56 -2.72
CA ARG A 238 -1.51 19.74 -1.52
C ARG A 238 -0.46 20.06 -0.47
N GLU A 239 0.80 20.24 -0.88
CA GLU A 239 1.84 20.63 0.06
C GLU A 239 1.50 21.96 0.73
N ALA A 240 1.02 22.94 -0.05
CA ALA A 240 0.67 24.24 0.52
C ALA A 240 -0.49 24.11 1.51
N ARG A 241 -1.51 23.32 1.15
CA ARG A 241 -2.63 23.18 2.07
C ARG A 241 -2.21 22.43 3.33
N PHE A 242 -1.34 21.44 3.17
CA PHE A 242 -0.81 20.70 4.32
C PHE A 242 -0.08 21.63 5.28
N CYS A 243 0.85 22.43 4.74
CA CYS A 243 1.62 23.37 5.56
C CYS A 243 0.75 24.45 6.18
N ASN A 244 -0.21 24.98 5.42
CA ASN A 244 -1.11 26.00 5.98
C ASN A 244 -1.95 25.44 7.12
N THR A 245 -2.38 24.18 7.01
CA THR A 245 -3.20 23.58 8.06
C THR A 245 -2.38 23.39 9.34
N VAL A 246 -1.16 22.85 9.22
CA VAL A 246 -0.28 22.72 10.38
C VAL A 246 -0.03 24.08 11.01
N HIS A 247 0.27 25.08 10.17
CA HIS A 247 0.55 26.44 10.64
C HIS A 247 -0.63 26.99 11.43
N ASP A 248 -1.84 26.82 10.89
CA ASP A 248 -3.03 27.32 11.57
C ASP A 248 -3.17 26.70 12.96
N ILE A 249 -2.90 25.40 13.07
CA ILE A 249 -3.05 24.69 14.35
C ILE A 249 -2.05 25.21 15.37
N VAL A 250 -0.78 25.31 14.98
CA VAL A 250 0.16 25.70 16.03
C VAL A 250 0.01 27.19 16.34
N ASN A 251 -0.42 27.99 15.37
CA ASN A 251 -0.56 29.42 15.58
C ASN A 251 -1.64 29.75 16.61
N ARG A 252 -2.70 28.95 16.68
CA ARG A 252 -3.75 29.14 17.65
C ARG A 252 -3.45 28.44 18.98
N GLY A 253 -2.22 27.97 19.16
CA GLY A 253 -1.78 27.32 20.39
C GLY A 253 -2.01 25.83 20.42
N GLY A 254 -2.36 25.23 19.31
CA GLY A 254 -2.74 23.82 19.28
C GLY A 254 -1.55 22.90 19.10
N ARG A 255 -1.80 21.63 19.44
CA ARG A 255 -0.92 20.52 19.12
C ARG A 255 -1.47 19.91 17.84
N GLY A 256 -0.59 19.68 16.86
CA GLY A 256 -0.98 19.09 15.59
C GLY A 256 -0.49 17.66 15.53
N LEU A 257 -1.39 16.70 15.35
CA LEU A 257 -1.05 15.30 15.25
C LEU A 257 -1.04 14.89 13.77
N ILE A 258 0.03 14.23 13.34
CA ILE A 258 0.12 13.71 11.97
C ILE A 258 0.37 12.20 12.02
N PRO A 259 -0.65 11.37 11.99
CA PRO A 259 -0.41 9.91 12.09
C PRO A 259 0.12 9.36 10.78
N VAL A 260 1.13 8.49 10.90
CA VAL A 260 1.84 7.95 9.74
C VAL A 260 2.16 6.48 10.00
N PHE A 261 2.24 5.71 8.92
CA PHE A 261 2.95 4.45 8.98
C PHE A 261 4.41 4.74 9.31
N ALA A 262 5.06 3.80 10.02
CA ALA A 262 6.38 4.09 10.58
C ALA A 262 7.37 4.63 9.53
N LEU A 263 7.34 4.07 8.32
CA LEU A 263 8.31 4.40 7.29
C LEU A 263 7.62 4.56 5.94
N GLY A 264 8.24 5.35 5.07
CA GLY A 264 7.73 5.56 3.72
C GLY A 264 7.25 6.96 3.47
N ARG A 265 5.92 7.16 3.51
CA ARG A 265 5.39 8.48 3.27
C ARG A 265 5.83 9.48 4.35
N ALA A 266 6.13 9.00 5.56
CA ALA A 266 6.49 9.92 6.64
C ALA A 266 7.71 10.75 6.26
N GLN A 267 8.67 10.14 5.55
CA GLN A 267 9.87 10.89 5.19
C GLN A 267 9.55 12.03 4.23
N GLU A 268 8.56 11.85 3.37
CA GLU A 268 8.15 12.94 2.48
C GLU A 268 7.56 14.09 3.27
N LEU A 269 6.65 13.78 4.20
CA LEU A 269 6.02 14.83 4.99
C LEU A 269 7.04 15.61 5.81
N LEU A 270 8.04 14.92 6.36
CA LEU A 270 9.04 15.60 7.18
C LEU A 270 9.86 16.59 6.36
N LEU A 271 10.25 16.20 5.14
CA LEU A 271 10.94 17.12 4.24
C LEU A 271 10.10 18.35 3.93
N ILE A 272 8.80 18.17 3.67
CA ILE A 272 7.92 19.30 3.42
C ILE A 272 7.88 20.24 4.63
N LEU A 273 7.67 19.68 5.81
CA LEU A 273 7.55 20.51 7.02
C LEU A 273 8.86 21.22 7.34
N ASP A 274 9.98 20.50 7.23
CA ASP A 274 11.26 21.11 7.56
C ASP A 274 11.53 22.31 6.66
N GLU A 275 11.21 22.18 5.38
CA GLU A 275 11.38 23.27 4.43
C GLU A 275 10.47 24.44 4.77
N TYR A 276 9.20 24.16 5.09
CA TYR A 276 8.29 25.23 5.48
C TYR A 276 8.75 25.93 6.75
N TRP A 277 9.23 25.16 7.74
CA TRP A 277 9.69 25.79 8.97
C TRP A 277 10.88 26.71 8.70
N GLN A 278 11.83 26.26 7.89
CA GLN A 278 13.00 27.10 7.62
C GLN A 278 12.57 28.42 6.99
N ASN A 279 11.55 28.39 6.14
CA ASN A 279 11.04 29.59 5.48
C ASN A 279 10.16 30.46 6.36
N HIS A 280 9.85 30.04 7.59
CA HIS A 280 8.97 30.80 8.48
C HIS A 280 9.63 30.93 9.85
N PRO A 281 10.48 31.94 10.05
CA PRO A 281 11.18 32.07 11.33
C PRO A 281 10.24 32.24 12.51
N GLU A 282 9.04 32.75 12.30
CA GLU A 282 8.10 32.89 13.40
C GLU A 282 7.66 31.53 13.94
N LEU A 283 8.04 30.44 13.29
CA LEU A 283 7.73 29.10 13.78
C LEU A 283 8.93 28.39 14.41
N HIS A 284 10.11 29.01 14.45
CA HIS A 284 11.31 28.25 14.82
C HIS A 284 11.32 27.81 16.28
N ASP A 285 10.54 28.43 17.16
CA ASP A 285 10.47 27.98 18.54
C ASP A 285 9.41 26.90 18.76
N ILE A 286 8.71 26.50 17.72
CA ILE A 286 7.67 25.48 17.83
C ILE A 286 8.26 24.15 17.38
N PRO A 287 8.31 23.13 18.25
CA PRO A 287 8.97 21.88 17.90
C PRO A 287 8.11 21.01 17.00
N ILE A 288 8.80 20.18 16.22
CA ILE A 288 8.20 19.11 15.40
C ILE A 288 8.89 17.83 15.82
N TYR A 289 8.11 16.86 16.30
CA TYR A 289 8.65 15.60 16.77
C TYR A 289 8.30 14.48 15.78
N TYR A 290 9.29 13.65 15.47
CA TYR A 290 9.08 12.42 14.71
C TYR A 290 9.23 11.28 15.70
N ALA A 291 8.12 10.65 16.05
CA ALA A 291 8.10 9.60 17.06
C ALA A 291 8.13 8.27 16.33
N SER A 292 9.32 7.69 16.23
CA SER A 292 9.54 6.44 15.51
C SER A 292 10.16 5.40 16.45
N SER A 293 10.55 4.28 15.87
CA SER A 293 11.20 3.20 16.61
C SER A 293 12.09 2.39 15.68
N ALA A 300 16.57 2.40 9.87
CA ALA A 300 17.56 3.40 9.53
C ALA A 300 18.28 3.05 8.23
N VAL A 301 18.16 1.79 7.80
CA VAL A 301 18.65 1.38 6.48
C VAL A 301 17.93 2.09 5.36
N TYR A 302 16.89 2.86 5.69
CA TYR A 302 16.21 3.69 4.71
C TYR A 302 17.20 4.59 3.97
N GLN A 303 17.99 5.36 4.73
CA GLN A 303 19.02 6.19 4.11
C GLN A 303 20.11 5.34 3.46
N THR A 304 20.35 4.13 3.99
CA THR A 304 21.33 3.24 3.38
C THR A 304 20.94 2.88 1.95
N TYR A 305 19.65 2.69 1.70
CA TYR A 305 19.18 2.33 0.36
C TYR A 305 18.83 3.55 -0.48
N PHE A 323 17.71 14.83 4.70
CA PHE A 323 17.20 13.92 5.72
C PHE A 323 17.83 14.20 7.09
N VAL A 324 18.81 15.11 7.09
CA VAL A 324 19.32 15.69 8.32
C VAL A 324 18.53 16.98 8.54
N PHE A 325 17.43 16.86 9.27
CA PHE A 325 16.47 17.95 9.38
C PHE A 325 16.95 19.03 10.33
N LYS A 326 16.61 20.27 10.01
CA LYS A 326 17.00 21.41 10.82
C LYS A 326 16.00 21.73 11.93
N HIS A 327 14.73 21.32 11.77
CA HIS A 327 13.67 21.70 12.70
C HIS A 327 12.90 20.50 13.25
N ILE A 328 13.37 19.28 13.06
CA ILE A 328 12.65 18.09 13.46
C ILE A 328 13.47 17.31 14.46
N SER A 329 12.82 16.84 15.53
CA SER A 329 13.46 16.11 16.61
C SER A 329 12.90 14.70 16.71
N ASN A 330 13.76 13.75 17.03
CA ASN A 330 13.35 12.36 17.19
C ASN A 330 12.82 12.12 18.59
N LEU A 331 11.76 11.31 18.68
CA LEU A 331 11.04 11.06 19.93
C LEU A 331 10.85 9.56 20.07
N LYS A 332 11.22 9.01 21.22
CA LYS A 332 11.27 7.56 21.38
C LYS A 332 9.96 6.97 21.91
N SER A 333 9.23 7.69 22.77
CA SER A 333 7.97 7.18 23.29
C SER A 333 7.24 8.34 23.97
N MET A 334 6.00 8.06 24.38
CA MET A 334 5.18 9.05 25.10
C MET A 334 5.88 9.53 26.37
N ASP A 335 6.62 8.65 27.03
CA ASP A 335 7.30 9.03 28.27
C ASP A 335 8.51 9.92 28.03
N HIS A 336 8.99 10.02 26.80
CA HIS A 336 10.11 10.88 26.45
C HIS A 336 9.65 12.23 25.89
N PHE A 337 8.35 12.49 25.94
CA PHE A 337 7.72 13.60 25.25
C PHE A 337 7.19 14.58 26.30
N ASP A 338 7.72 15.80 26.31
CA ASP A 338 7.08 16.86 27.07
C ASP A 338 5.95 17.38 26.21
N ASP A 339 4.71 17.12 26.62
CA ASP A 339 3.55 17.50 25.83
C ASP A 339 3.20 18.94 26.16
N ILE A 340 4.00 19.84 25.59
CA ILE A 340 3.85 21.28 25.74
C ILE A 340 3.22 21.78 24.45
N GLY A 341 2.16 22.56 24.57
CA GLY A 341 1.57 23.14 23.39
C GLY A 341 2.11 24.53 23.18
N PRO A 342 2.28 24.95 21.92
CA PRO A 342 1.99 24.26 20.66
C PRO A 342 3.12 23.35 20.18
N SER A 343 2.80 22.39 19.32
CA SER A 343 3.80 21.44 18.83
C SER A 343 3.19 20.69 17.65
N VAL A 344 4.06 20.00 16.90
CA VAL A 344 3.67 19.05 15.86
C VAL A 344 4.27 17.71 16.23
N VAL A 345 3.47 16.65 16.20
CA VAL A 345 3.98 15.30 16.47
C VAL A 345 3.53 14.38 15.33
N MET A 346 4.50 13.77 14.67
CA MET A 346 4.24 12.75 13.66
C MET A 346 4.50 11.40 14.33
N ALA A 347 3.47 10.56 14.41
CA ALA A 347 3.52 9.34 15.20
C ALA A 347 2.79 8.21 14.48
N SER A 348 3.24 6.97 14.75
CA SER A 348 2.57 5.79 14.23
C SER A 348 1.60 5.22 15.25
N PRO A 349 0.60 4.43 14.81
CA PRO A 349 0.26 4.04 13.44
C PRO A 349 -0.56 5.08 12.67
N GLY A 350 -0.57 4.90 11.35
CA GLY A 350 -1.18 5.88 10.47
C GLY A 350 -2.70 5.97 10.57
N MET A 351 -3.37 4.89 10.94
CA MET A 351 -4.83 4.92 11.04
C MET A 351 -5.30 4.94 12.48
N MET A 352 -4.38 5.16 13.42
CA MET A 352 -4.68 5.42 14.84
C MET A 352 -5.45 4.26 15.50
N GLN A 353 -5.19 3.02 15.10
CA GLN A 353 -5.91 1.90 15.72
C GLN A 353 -5.49 1.67 17.17
N SER A 354 -4.24 1.95 17.49
CA SER A 354 -3.72 1.80 18.85
C SER A 354 -2.40 2.54 18.89
N GLY A 355 -1.60 2.33 19.92
CA GLY A 355 -0.25 2.86 19.89
C GLY A 355 -0.18 4.36 20.17
N LEU A 356 0.96 4.96 19.83
CA LEU A 356 1.23 6.32 20.25
C LEU A 356 0.29 7.33 19.58
N SER A 357 0.05 7.16 18.28
CA SER A 357 -0.85 8.11 17.61
C SER A 357 -2.24 8.08 18.21
N ARG A 358 -2.73 6.88 18.58
CA ARG A 358 -4.03 6.80 19.25
C ARG A 358 -3.98 7.44 20.64
N GLU A 359 -2.90 7.22 21.39
CA GLU A 359 -2.81 7.80 22.72
C GLU A 359 -2.80 9.33 22.66
N LEU A 360 -2.06 9.89 21.70
CA LEU A 360 -2.02 11.34 21.56
C LEU A 360 -3.36 11.89 21.11
N PHE A 361 -3.99 11.23 20.12
CA PHE A 361 -5.34 11.59 19.71
C PHE A 361 -6.29 11.67 20.90
N GLU A 362 -6.28 10.64 21.78
CA GLU A 362 -7.19 10.65 22.92
C GLU A 362 -6.82 11.72 23.94
N SER A 363 -5.54 12.03 24.07
CA SER A 363 -5.11 13.10 24.97
C SER A 363 -5.51 14.48 24.44
N TRP A 364 -5.63 14.63 23.13
CA TRP A 364 -5.76 15.94 22.50
C TRP A 364 -7.13 16.23 21.91
N CYS A 365 -8.01 15.23 21.76
CA CYS A 365 -9.18 15.41 20.90
C CYS A 365 -10.24 16.34 21.50
N THR A 366 -10.24 16.58 22.82
CA THR A 366 -11.31 17.38 23.44
C THR A 366 -11.03 18.88 23.40
N ASP A 367 -9.89 19.30 22.85
CA ASP A 367 -9.48 20.70 22.84
C ASP A 367 -9.53 21.20 21.40
N LYS A 368 -10.41 22.18 21.15
CA LYS A 368 -10.61 22.70 19.79
C LYS A 368 -9.37 23.38 19.22
N ARG A 369 -8.40 23.76 20.06
CA ARG A 369 -7.17 24.33 19.51
C ARG A 369 -6.35 23.28 18.77
N ASN A 370 -6.47 22.02 19.16
CA ASN A 370 -5.63 20.97 18.58
C ASN A 370 -6.18 20.57 17.22
N GLY A 371 -5.45 19.72 16.50
CA GLY A 371 -5.96 19.23 15.24
C GLY A 371 -5.17 18.04 14.75
N VAL A 372 -5.79 17.23 13.92
CA VAL A 372 -5.14 16.09 13.33
C VAL A 372 -5.21 16.26 11.82
N ILE A 373 -4.12 15.92 11.14
CA ILE A 373 -4.02 15.96 9.69
C ILE A 373 -3.74 14.55 9.21
N ILE A 374 -4.68 13.96 8.47
CA ILE A 374 -4.57 12.57 8.02
C ILE A 374 -4.11 12.58 6.57
N ALA A 375 -2.95 11.98 6.33
CA ALA A 375 -2.31 12.04 5.02
C ALA A 375 -2.38 10.73 4.26
N GLY A 376 -2.92 9.67 4.86
CA GLY A 376 -2.98 8.38 4.22
C GLY A 376 -4.38 8.03 3.74
N TYR A 377 -4.47 6.91 3.04
CA TYR A 377 -5.76 6.35 2.69
C TYR A 377 -6.41 5.73 3.92
N CYS A 378 -7.65 6.12 4.23
CA CYS A 378 -8.29 5.68 5.47
C CYS A 378 -9.16 4.47 5.18
N VAL A 379 -8.71 3.31 5.66
CA VAL A 379 -9.41 2.05 5.40
C VAL A 379 -10.61 1.92 6.32
N GLU A 380 -11.71 1.39 5.77
CA GLU A 380 -12.88 1.04 6.56
C GLU A 380 -12.49 0.24 7.80
N GLY A 381 -13.18 0.53 8.91
CA GLY A 381 -12.93 -0.13 10.17
C GLY A 381 -11.91 0.53 11.08
N THR A 382 -11.26 1.61 10.64
CA THR A 382 -10.24 2.25 11.46
C THR A 382 -10.76 3.56 12.03
N LEU A 383 -10.14 3.98 13.14
CA LEU A 383 -10.54 5.25 13.74
C LEU A 383 -10.33 6.41 12.78
N ALA A 384 -9.22 6.40 12.03
CA ALA A 384 -8.95 7.47 11.08
C ALA A 384 -10.09 7.60 10.06
N LYS A 385 -10.62 6.47 9.58
CA LYS A 385 -11.79 6.55 8.73
C LYS A 385 -13.03 6.99 9.50
N HIS A 386 -13.23 6.49 10.72
CA HIS A 386 -14.46 6.76 11.45
C HIS A 386 -14.66 8.26 11.66
N ILE A 387 -13.59 8.99 11.96
CA ILE A 387 -13.78 10.40 12.33
C ILE A 387 -14.01 11.28 11.11
N MET A 388 -13.97 10.70 9.90
CA MET A 388 -14.29 11.45 8.68
C MET A 388 -15.74 11.87 8.65
N SER A 389 -16.63 11.11 9.30
CA SER A 389 -18.04 11.42 9.38
C SER A 389 -18.34 12.50 10.42
N GLU A 390 -17.32 13.07 11.03
CA GLU A 390 -17.43 14.12 12.03
C GLU A 390 -18.33 13.71 13.19
N PRO A 391 -18.05 12.60 13.86
CA PRO A 391 -18.86 12.20 15.01
C PRO A 391 -18.71 13.20 16.15
N GLU A 392 -19.77 13.34 16.94
CA GLU A 392 -19.70 14.26 18.07
C GLU A 392 -18.73 13.75 19.13
N GLU A 393 -18.62 12.43 19.27
CA GLU A 393 -17.83 11.81 20.32
C GLU A 393 -17.04 10.65 19.71
N ILE A 394 -15.95 10.27 20.39
CA ILE A 394 -15.19 9.08 20.06
C ILE A 394 -15.10 8.21 21.32
N THR A 395 -14.71 6.95 21.12
CA THR A 395 -14.53 6.00 22.21
C THR A 395 -13.05 5.68 22.39
N THR A 396 -12.54 5.88 23.60
CA THR A 396 -11.14 5.56 23.84
C THR A 396 -10.92 4.05 23.85
N MET A 397 -9.65 3.66 23.76
CA MET A 397 -9.30 2.25 23.88
C MET A 397 -9.82 1.64 25.18
N SER A 398 -9.82 2.43 26.27
CA SER A 398 -10.32 1.98 27.56
C SER A 398 -11.84 2.09 27.68
N GLY A 399 -12.53 2.44 26.59
CA GLY A 399 -13.98 2.44 26.57
C GLY A 399 -14.66 3.69 27.09
N GLN A 400 -13.94 4.80 27.24
CA GLN A 400 -14.56 6.04 27.68
C GLN A 400 -14.96 6.90 26.49
N LYS A 401 -16.10 7.59 26.61
CA LYS A 401 -16.53 8.54 25.59
C LYS A 401 -15.86 9.89 25.81
N LEU A 402 -15.35 10.49 24.72
CA LEU A 402 -14.78 11.83 24.74
C LEU A 402 -15.36 12.63 23.59
N PRO A 403 -15.63 13.93 23.78
CA PRO A 403 -16.09 14.76 22.67
C PRO A 403 -14.95 15.02 21.69
N LEU A 404 -15.29 15.03 20.41
CA LEU A 404 -14.31 15.30 19.35
C LEU A 404 -14.42 16.78 18.96
N LYS A 405 -13.50 17.59 19.50
CA LYS A 405 -13.46 19.04 19.27
C LYS A 405 -12.27 19.49 18.45
N MET A 406 -11.17 18.74 18.47
CA MET A 406 -10.03 19.10 17.64
C MET A 406 -10.40 19.08 16.17
N SER A 407 -9.71 19.89 15.38
CA SER A 407 -10.02 19.89 13.95
C SER A 407 -9.51 18.59 13.31
N VAL A 408 -10.14 18.21 12.20
CA VAL A 408 -9.79 17.01 11.47
C VAL A 408 -9.70 17.37 9.99
N ASP A 409 -8.52 17.19 9.39
CA ASP A 409 -8.30 17.49 7.98
C ASP A 409 -7.69 16.29 7.26
N TYR A 410 -8.12 16.06 6.02
CA TYR A 410 -7.62 14.98 5.20
C TYR A 410 -6.92 15.59 3.99
N ILE A 411 -5.64 15.26 3.82
CA ILE A 411 -4.82 15.76 2.71
C ILE A 411 -3.95 14.59 2.30
N SER A 412 -4.32 13.88 1.24
CA SER A 412 -3.68 12.60 0.99
C SER A 412 -2.31 12.77 0.35
N PHE A 413 -1.32 12.07 0.90
CA PHE A 413 -0.01 11.87 0.30
C PHE A 413 0.31 10.38 0.20
N SER A 414 -0.70 9.53 -0.05
CA SER A 414 -0.50 8.10 0.08
C SER A 414 0.25 7.48 -1.10
N ALA A 415 0.49 8.24 -2.16
CA ALA A 415 1.34 7.81 -3.29
C ALA A 415 0.73 6.62 -4.03
N HIS A 416 -0.55 6.73 -4.36
CA HIS A 416 -1.16 5.77 -5.27
C HIS A 416 -1.45 6.44 -6.59
N THR A 417 -1.70 5.60 -7.60
CA THR A 417 -2.10 6.07 -8.90
C THR A 417 -3.48 6.75 -8.83
N ASP A 418 -3.71 7.72 -9.70
CA ASP A 418 -5.04 8.32 -9.90
C ASP A 418 -5.53 7.93 -11.29
N TYR A 419 -6.72 8.43 -11.68
CA TYR A 419 -7.28 7.95 -12.93
C TYR A 419 -6.43 8.33 -14.13
N GLN A 420 -5.87 9.55 -14.13
CA GLN A 420 -5.07 9.97 -15.27
C GLN A 420 -3.81 9.12 -15.39
N GLN A 421 -3.18 8.82 -14.25
CA GLN A 421 -1.96 8.00 -14.28
C GLN A 421 -2.28 6.57 -14.71
N THR A 422 -3.37 6.00 -14.15
CA THR A 422 -3.76 4.63 -14.49
C THR A 422 -4.18 4.50 -15.94
N SER A 423 -4.96 5.47 -16.44
CA SER A 423 -5.37 5.47 -17.84
C SER A 423 -4.17 5.52 -18.77
N GLU A 424 -3.20 6.39 -18.48
CA GLU A 424 -1.99 6.49 -19.30
C GLU A 424 -1.19 5.19 -19.29
N PHE A 425 -1.06 4.59 -18.11
CA PHE A 425 -0.35 3.33 -17.95
C PHE A 425 -0.97 2.22 -18.77
N ILE A 426 -2.30 2.08 -18.70
CA ILE A 426 -2.99 1.05 -19.47
C ILE A 426 -2.88 1.32 -20.96
N ARG A 427 -2.93 2.59 -21.36
CA ARG A 427 -2.88 2.87 -22.79
C ARG A 427 -1.49 2.59 -23.36
N ALA A 428 -0.45 2.81 -22.56
CA ALA A 428 0.90 2.47 -23.01
C ALA A 428 1.08 0.99 -23.22
N LEU A 429 0.39 0.17 -22.42
CA LEU A 429 0.60 -1.28 -22.45
C LEU A 429 -0.42 -2.05 -23.26
N LYS A 430 -1.65 -1.52 -23.40
CA LYS A 430 -2.79 -2.16 -24.04
C LYS A 430 -2.97 -3.65 -23.73
N PRO A 431 -3.02 -4.07 -22.48
CA PRO A 431 -3.23 -5.50 -22.20
C PRO A 431 -4.66 -5.89 -22.56
N PRO A 432 -4.85 -7.03 -23.23
CA PRO A 432 -6.23 -7.41 -23.58
C PRO A 432 -7.11 -7.67 -22.36
N HIS A 433 -6.51 -8.00 -21.21
CA HIS A 433 -7.27 -8.21 -19.99
C HIS A 433 -6.68 -7.41 -18.85
N VAL A 434 -7.53 -6.65 -18.16
CA VAL A 434 -7.14 -5.88 -16.99
C VAL A 434 -7.99 -6.36 -15.81
N ILE A 435 -7.32 -6.71 -14.71
CA ILE A 435 -8.02 -7.15 -13.52
C ILE A 435 -7.77 -6.11 -12.43
N LEU A 436 -8.85 -5.51 -11.94
CA LEU A 436 -8.77 -4.50 -10.89
C LEU A 436 -8.80 -5.18 -9.52
N VAL A 437 -7.91 -4.75 -8.63
CA VAL A 437 -7.86 -5.18 -7.23
C VAL A 437 -7.60 -3.93 -6.39
N HIS A 438 -7.65 -4.10 -5.06
CA HIS A 438 -7.17 -3.07 -4.13
C HIS A 438 -7.88 -1.72 -4.35
N GLY A 439 -9.20 -1.75 -4.17
CA GLY A 439 -10.02 -0.54 -4.22
C GLY A 439 -11.38 -0.85 -3.62
N GLU A 440 -12.01 0.17 -3.03
CA GLU A 440 -13.33 -0.10 -2.50
C GLU A 440 -14.32 -0.33 -3.63
N GLN A 441 -15.39 -1.06 -3.31
CA GLN A 441 -16.30 -1.57 -4.33
C GLN A 441 -16.78 -0.48 -5.28
N ASN A 442 -17.25 0.65 -4.73
CA ASN A 442 -17.82 1.70 -5.58
C ASN A 442 -16.75 2.37 -6.43
N GLU A 443 -15.58 2.62 -5.84
CA GLU A 443 -14.47 3.22 -6.56
C GLU A 443 -14.03 2.32 -7.70
N MET A 444 -13.92 1.03 -7.43
CA MET A 444 -13.48 0.08 -8.45
C MET A 444 -14.51 -0.06 -9.56
N ALA A 445 -15.80 -0.05 -9.23
CA ALA A 445 -16.83 -0.13 -10.26
C ALA A 445 -16.80 1.06 -11.21
N ARG A 446 -16.57 2.27 -10.68
CA ARG A 446 -16.46 3.44 -11.53
C ARG A 446 -15.20 3.39 -12.39
N LEU A 447 -14.07 2.98 -11.80
CA LEU A 447 -12.86 2.83 -12.60
C LEU A 447 -13.08 1.84 -13.75
N LYS A 448 -13.71 0.70 -13.46
CA LYS A 448 -13.99 -0.28 -14.51
C LYS A 448 -14.84 0.32 -15.63
N ALA A 449 -15.91 1.02 -15.26
CA ALA A 449 -16.80 1.59 -16.27
C ALA A 449 -16.08 2.64 -17.11
N ALA A 450 -15.23 3.44 -16.48
CA ALA A 450 -14.51 4.49 -17.23
C ALA A 450 -13.49 3.89 -18.18
N LEU A 451 -12.78 2.83 -17.75
CA LEU A 451 -11.81 2.18 -18.62
C LEU A 451 -12.48 1.48 -19.78
N ILE A 452 -13.63 0.85 -19.57
CA ILE A 452 -14.30 0.19 -20.67
C ILE A 452 -14.72 1.21 -21.73
N ARG A 453 -15.25 2.36 -21.27
CA ARG A 453 -15.64 3.43 -22.18
C ARG A 453 -14.47 3.92 -23.03
N GLU A 454 -13.24 3.89 -22.49
CA GLU A 454 -12.07 4.34 -23.23
C GLU A 454 -11.69 3.45 -24.41
N TYR A 455 -12.12 2.18 -24.45
CA TYR A 455 -11.67 1.29 -25.52
C TYR A 455 -12.83 0.73 -26.34
N GLU A 456 -13.99 1.38 -26.30
CA GLU A 456 -15.13 0.89 -27.08
C GLU A 456 -14.93 1.12 -28.57
N ASP A 457 -14.49 2.31 -28.98
CA ASP A 457 -14.31 2.65 -30.39
C ASP A 457 -12.89 2.41 -30.88
N ASN A 458 -12.15 1.47 -30.26
CA ASN A 458 -10.76 1.23 -30.61
C ASN A 458 -10.69 -0.07 -31.40
N ASP A 459 -10.40 0.05 -32.70
CA ASP A 459 -10.34 -1.11 -33.57
C ASP A 459 -9.01 -1.86 -33.46
N GLU A 460 -8.03 -1.32 -32.75
CA GLU A 460 -6.80 -2.07 -32.52
C GLU A 460 -6.97 -3.10 -31.41
N VAL A 461 -7.60 -2.72 -30.30
CA VAL A 461 -7.82 -3.63 -29.19
C VAL A 461 -9.09 -3.25 -28.44
N HIS A 462 -9.84 -4.26 -27.99
CA HIS A 462 -11.00 -4.09 -27.10
C HIS A 462 -10.64 -4.72 -25.77
N ILE A 463 -10.04 -3.92 -24.90
CA ILE A 463 -9.61 -4.38 -23.58
C ILE A 463 -10.81 -4.80 -22.74
N GLU A 464 -10.69 -5.92 -22.03
CA GLU A 464 -11.71 -6.38 -21.08
C GLU A 464 -11.24 -6.09 -19.66
N VAL A 465 -12.13 -5.54 -18.83
CA VAL A 465 -11.80 -5.13 -17.47
C VAL A 465 -12.65 -5.94 -16.49
N HIS A 466 -12.00 -6.52 -15.48
CA HIS A 466 -12.61 -7.44 -14.54
C HIS A 466 -12.45 -6.87 -13.14
N ASN A 467 -13.49 -6.97 -12.31
CA ASN A 467 -13.43 -6.51 -10.92
C ASN A 467 -13.92 -7.62 -10.00
N PRO A 468 -13.14 -8.70 -9.83
CA PRO A 468 -13.63 -9.85 -9.05
C PRO A 468 -13.75 -9.55 -7.57
N ARG A 469 -14.82 -10.08 -6.96
CA ARG A 469 -14.93 -10.11 -5.51
C ARG A 469 -13.92 -11.08 -4.92
N ASN A 470 -13.67 -10.95 -3.62
CA ASN A 470 -12.88 -11.95 -2.92
C ASN A 470 -13.49 -13.33 -3.17
N THR A 471 -12.64 -14.30 -3.51
CA THR A 471 -12.91 -15.70 -3.81
C THR A 471 -13.46 -15.92 -5.23
N GLU A 472 -13.76 -14.86 -5.98
CA GLU A 472 -14.28 -15.01 -7.33
C GLU A 472 -13.14 -15.20 -8.33
N ALA A 473 -13.28 -16.18 -9.22
CA ALA A 473 -12.26 -16.48 -10.21
C ALA A 473 -12.53 -15.74 -11.51
N VAL A 474 -11.45 -15.25 -12.13
CA VAL A 474 -11.44 -14.79 -13.52
C VAL A 474 -10.70 -15.87 -14.32
N THR A 475 -11.33 -16.40 -15.37
CA THR A 475 -10.67 -17.42 -16.18
C THR A 475 -10.45 -16.90 -17.60
N LEU A 476 -9.26 -17.14 -18.12
CA LEU A 476 -8.80 -16.66 -19.41
C LEU A 476 -8.17 -17.82 -20.17
N ASN A 477 -8.54 -17.98 -21.45
CA ASN A 477 -8.03 -19.09 -22.24
C ASN A 477 -7.01 -18.59 -23.25
N PHE A 478 -5.86 -19.27 -23.30
CA PHE A 478 -4.78 -18.93 -24.22
C PHE A 478 -4.51 -20.12 -25.15
N ARG A 479 -4.27 -19.82 -26.42
CA ARG A 479 -4.06 -20.88 -27.40
C ARG A 479 -2.70 -21.54 -27.21
C7 XYX B . -4.05 1.84 3.24
C8 XYX B . -3.55 2.20 4.48
C9 XYX B . -2.17 2.14 4.70
O1 XYX B . -0.25 1.95 0.41
C1 XYX B . 0.58 1.55 5.40
C5 XYX B . -3.55 0.96 0.86
C6 XYX B . -3.18 1.42 2.24
C4 XYX B . -1.81 1.36 2.43
O4 XYX B . -1.68 -1.03 16.01
C3 XYX B . -1.30 1.73 3.69
O3 XYX B . -2.28 0.72 0.19
C2 XYX B . 0.20 1.72 3.93
N XYX B . -0.71 0.20 6.93
C XYX B . 0.22 0.19 5.96
O XYX B . 0.73 -0.84 5.53
B XYX B . -1.13 0.89 1.03
C10 XYX B . -1.23 -0.93 7.59
C11 XYX B . -1.21 -1.01 8.97
C12 XYX B . -1.68 -2.14 9.64
C13 XYX B . -1.76 -2.17 11.12
C14 XYX B . -2.79 -2.84 11.77
C15 XYX B . -2.93 -2.78 13.14
C16 XYX B . -2.03 -2.05 13.91
C17 XYX B . -2.26 -1.91 15.37
C18 XYX B . -3.18 -2.86 16.06
C19 XYX B . -0.98 -1.39 13.28
C20 XYX B . -0.84 -1.45 11.89
C21 XYX B . -2.14 -3.22 8.88
C22 XYX B . -2.16 -3.14 7.48
C23 XYX B . -1.72 -2.00 6.85
O2 XYX B . -0.26 -0.37 1.00
CL CL C . 4.90 -25.54 -20.83
CL CL D . -14.38 -21.41 -9.12
S SO4 E . 1.40 11.68 -3.71
O1 SO4 E . 1.33 13.14 -3.77
O2 SO4 E . 0.28 11.16 -2.91
O3 SO4 E . 1.28 11.16 -5.07
O4 SO4 E . 2.66 11.31 -3.09
FE FE F . -1.76 -1.27 -0.45
FE FE G . 1.31 0.42 -0.15
#